data_5YL0
#
_entry.id   5YL0
#
_cell.length_a   43.843
_cell.length_b   69.736
_cell.length_c   146.606
_cell.angle_alpha   90.00
_cell.angle_beta   90.00
_cell.angle_gamma   90.00
#
_symmetry.space_group_name_H-M   'P 21 21 21'
#
loop_
_entity.id
_entity.type
_entity.pdbx_description
1 polymer 'Capsid protein'
2 water water
#
_entity_poly.entity_id   1
_entity_poly.type   'polypeptide(L)'
_entity_poly.pdbx_seq_one_letter_code
;NPTSLTDVRVDKAVNFIKPEVSGVAEIQTVTGLSPSTSYLLTPAFLEQNFQSEAGIYILSATPVEGEGTISINMDPTVTT
VSGFIKVKTDTFGTFDLSVVLTTASKKQTTGFNIIAATS
;
_entity_poly.pdbx_strand_id   A,B,C,D
#
# COMPACT_ATOMS: atom_id res chain seq x y z
N VAL A 8 -12.68 9.44 -1.43
CA VAL A 8 -12.28 10.65 -0.60
C VAL A 8 -10.89 10.98 -0.98
N ARG A 9 -10.65 12.21 -1.49
CA ARG A 9 -9.36 12.55 -2.03
C ARG A 9 -9.01 14.01 -1.86
N VAL A 10 -7.71 14.29 -2.03
CA VAL A 10 -7.21 15.62 -2.15
C VAL A 10 -7.49 16.06 -3.56
N ASP A 11 -8.27 17.09 -3.77
CA ASP A 11 -8.50 17.64 -5.10
C ASP A 11 -7.44 18.57 -5.57
N LYS A 12 -6.86 19.35 -4.69
CA LYS A 12 -5.96 20.50 -4.98
C LYS A 12 -5.09 20.70 -3.74
N ALA A 13 -3.90 21.19 -3.86
CA ALA A 13 -3.12 21.72 -2.76
C ALA A 13 -2.78 23.16 -3.09
N VAL A 14 -2.88 24.06 -2.16
CA VAL A 14 -2.62 25.47 -2.32
C VAL A 14 -1.75 25.98 -1.21
N ASN A 15 -0.86 26.90 -1.51
CA ASN A 15 -0.05 27.58 -0.48
C ASN A 15 -0.82 28.63 0.22
N PHE A 16 -0.57 28.76 1.51
CA PHE A 16 -1.03 29.95 2.26
C PHE A 16 -0.37 31.20 1.74
N ILE A 17 -1.11 32.29 1.81
CA ILE A 17 -0.52 33.63 1.58
C ILE A 17 0.51 33.92 2.68
N LYS A 18 1.28 34.96 2.43
CA LYS A 18 2.33 35.46 3.30
C LYS A 18 1.92 36.88 3.70
N PRO A 19 1.22 37.08 4.79
CA PRO A 19 0.77 38.44 5.16
C PRO A 19 1.92 39.39 5.35
N GLU A 20 1.59 40.68 5.17
CA GLU A 20 2.57 41.75 5.24
C GLU A 20 2.94 42.23 6.62
N VAL A 21 2.03 42.21 7.54
CA VAL A 21 2.20 42.85 8.83
C VAL A 21 1.90 41.84 9.95
N SER A 22 2.81 41.74 10.92
CA SER A 22 2.69 40.83 12.04
C SER A 22 1.40 40.99 12.74
N GLY A 23 0.60 39.95 12.94
CA GLY A 23 -0.64 39.95 13.67
C GLY A 23 -1.80 40.54 12.94
N VAL A 24 -1.66 40.99 11.70
CA VAL A 24 -2.79 41.57 10.99
C VAL A 24 -3.23 40.55 9.95
N ALA A 25 -4.43 40.09 10.11
CA ALA A 25 -4.94 39.06 9.18
C ALA A 25 -5.16 39.59 7.80
N GLU A 26 -5.00 38.76 6.80
CA GLU A 26 -5.34 39.11 5.42
C GLU A 26 -6.22 38.06 4.84
N ILE A 27 -7.02 38.39 3.87
CA ILE A 27 -7.88 37.47 3.20
C ILE A 27 -7.28 36.75 2.06
N GLN A 28 -7.27 35.45 2.04
CA GLN A 28 -6.83 34.61 0.95
C GLN A 28 -8.11 34.09 0.25
N THR A 29 -8.17 34.20 -1.03
CA THR A 29 -9.28 33.63 -1.82
C THR A 29 -8.80 32.44 -2.56
N VAL A 30 -9.49 31.34 -2.47
CA VAL A 30 -9.21 30.14 -3.16
C VAL A 30 -10.24 29.97 -4.28
N THR A 31 -9.82 29.61 -5.44
CA THR A 31 -10.71 29.51 -6.59
C THR A 31 -10.55 28.23 -7.35
N GLY A 32 -11.41 28.06 -8.36
CA GLY A 32 -11.31 26.94 -9.25
C GLY A 32 -11.85 25.61 -8.77
N LEU A 33 -12.74 25.67 -7.80
CA LEU A 33 -13.29 24.48 -7.16
C LEU A 33 -14.71 24.29 -7.68
N SER A 34 -15.41 23.26 -7.24
CA SER A 34 -16.80 23.06 -7.66
C SER A 34 -17.69 24.00 -6.98
N PRO A 35 -18.74 24.56 -7.60
CA PRO A 35 -19.64 25.45 -6.94
C PRO A 35 -20.41 24.82 -5.77
N SER A 36 -20.67 25.55 -4.79
CA SER A 36 -21.57 25.17 -3.69
C SER A 36 -21.27 23.80 -3.14
N THR A 37 -19.97 23.51 -2.89
CA THR A 37 -19.45 22.19 -2.49
C THR A 37 -18.65 22.30 -1.20
N SER A 38 -18.81 21.30 -0.33
CA SER A 38 -18.10 21.25 0.97
C SER A 38 -16.72 20.61 0.82
N TYR A 39 -15.75 21.29 1.40
CA TYR A 39 -14.35 20.86 1.42
C TYR A 39 -13.85 20.88 2.83
N LEU A 40 -12.81 20.08 3.02
CA LEU A 40 -12.01 20.04 4.22
C LEU A 40 -10.57 20.42 3.93
N LEU A 41 -9.97 21.21 4.76
CA LEU A 41 -8.57 21.66 4.55
C LEU A 41 -7.73 21.15 5.67
N THR A 42 -6.50 20.67 5.37
CA THR A 42 -5.51 20.22 6.40
C THR A 42 -4.15 20.75 5.98
N PRO A 43 -3.26 21.02 6.90
CA PRO A 43 -1.99 21.69 6.60
C PRO A 43 -0.96 20.77 6.02
N ALA A 44 -0.07 21.33 5.20
CA ALA A 44 1.09 20.53 4.65
C ALA A 44 2.16 21.53 4.26
N PHE A 45 3.37 21.09 4.17
CA PHE A 45 4.47 21.90 3.58
C PHE A 45 5.65 20.98 3.30
N LEU A 46 6.55 21.50 2.45
CA LEU A 46 7.64 20.67 1.90
C LEU A 46 8.96 21.37 2.01
N GLU A 47 9.92 20.73 2.65
CA GLU A 47 11.30 21.14 2.62
C GLU A 47 11.50 22.56 3.01
N GLN A 48 10.98 23.01 4.14
CA GLN A 48 11.12 24.39 4.54
C GLN A 48 12.19 24.55 5.58
N ASN A 49 12.92 25.66 5.52
CA ASN A 49 13.86 26.04 6.53
C ASN A 49 13.30 27.18 7.33
N PHE A 50 12.66 26.86 8.41
CA PHE A 50 12.01 27.81 9.28
C PHE A 50 12.96 28.63 10.11
N GLN A 51 14.25 28.32 10.09
CA GLN A 51 15.29 29.00 10.81
C GLN A 51 16.23 29.71 9.86
N SER A 52 15.81 30.10 8.68
CA SER A 52 16.68 30.84 7.75
C SER A 52 16.95 32.26 8.27
N GLU A 53 16.16 32.75 9.18
CA GLU A 53 16.33 34.03 9.87
C GLU A 53 15.77 33.92 11.20
N ALA A 54 15.91 34.93 12.04
CA ALA A 54 15.42 34.88 13.38
C ALA A 54 13.91 34.95 13.49
N GLY A 55 13.38 34.70 14.64
CA GLY A 55 11.95 34.62 14.90
C GLY A 55 11.35 33.30 14.50
N ILE A 56 10.14 33.08 14.97
CA ILE A 56 9.43 31.80 14.78
C ILE A 56 8.29 31.96 13.83
N TYR A 57 8.20 31.02 12.89
CA TYR A 57 7.03 30.94 11.99
C TYR A 57 5.78 30.46 12.74
N ILE A 58 4.77 31.27 12.84
CA ILE A 58 3.54 30.94 13.50
C ILE A 58 2.40 31.47 12.67
N LEU A 59 1.60 30.57 12.08
CA LEU A 59 0.44 30.87 11.22
C LEU A 59 -0.78 30.35 11.79
N SER A 60 -1.88 31.10 11.72
CA SER A 60 -3.19 30.56 11.97
C SER A 60 -4.12 30.94 10.82
N ALA A 61 -5.07 30.10 10.52
CA ALA A 61 -6.01 30.36 9.42
C ALA A 61 -7.35 29.85 9.79
N THR A 62 -8.37 30.58 9.44
CA THR A 62 -9.76 30.20 9.69
C THR A 62 -10.58 30.55 8.42
N PRO A 63 -11.68 29.93 8.19
CA PRO A 63 -12.54 30.36 7.06
C PRO A 63 -13.36 31.55 7.38
N VAL A 64 -13.62 32.42 6.42
CA VAL A 64 -14.56 33.52 6.64
C VAL A 64 -15.91 32.98 6.96
N GLU A 65 -16.36 31.98 6.31
CA GLU A 65 -17.61 31.28 6.58
C GLU A 65 -17.28 29.80 6.72
N GLY A 66 -17.56 29.18 7.83
CA GLY A 66 -17.27 27.76 8.05
C GLY A 66 -16.79 27.59 9.46
N GLU A 67 -16.06 26.52 9.75
CA GLU A 67 -15.48 26.39 11.07
C GLU A 67 -14.10 25.75 10.97
N GLY A 68 -13.39 25.74 12.08
CA GLY A 68 -12.10 25.18 12.24
C GLY A 68 -10.98 26.19 12.13
N THR A 69 -9.83 25.80 12.60
CA THR A 69 -8.62 26.59 12.56
C THR A 69 -7.45 25.71 12.19
N ILE A 70 -6.60 26.11 11.30
CA ILE A 70 -5.30 25.45 11.09
C ILE A 70 -4.27 26.28 11.84
N SER A 71 -3.42 25.58 12.60
CA SER A 71 -2.36 26.19 13.35
C SER A 71 -1.03 25.60 12.96
N ILE A 72 -0.04 26.42 12.63
CA ILE A 72 1.28 25.93 12.37
C ILE A 72 2.24 26.78 13.25
N ASN A 73 2.85 26.20 14.24
CA ASN A 73 3.81 26.85 15.10
C ASN A 73 5.08 26.08 15.07
N MET A 74 6.11 26.62 14.43
CA MET A 74 7.35 25.91 14.25
C MET A 74 8.32 26.14 15.43
N ASP A 75 7.90 26.68 16.52
CA ASP A 75 8.74 26.80 17.72
C ASP A 75 9.41 25.46 18.05
N PRO A 76 10.72 25.41 18.10
CA PRO A 76 11.35 24.10 18.37
C PRO A 76 11.06 23.53 19.73
N THR A 77 10.63 24.30 20.65
CA THR A 77 10.26 23.79 21.96
C THR A 77 8.86 23.25 22.03
N VAL A 78 7.97 23.62 21.08
CA VAL A 78 6.58 23.29 21.17
C VAL A 78 5.98 23.40 19.73
N THR A 79 6.24 22.39 18.93
CA THR A 79 5.96 22.45 17.49
C THR A 79 4.61 21.85 17.22
N THR A 80 3.76 22.55 16.46
CA THR A 80 2.43 22.12 16.13
C THR A 80 2.19 22.29 14.64
N VAL A 81 1.63 21.29 13.98
CA VAL A 81 1.11 21.37 12.60
C VAL A 81 -0.20 20.68 12.65
N SER A 82 -1.31 21.39 12.84
CA SER A 82 -2.54 20.77 13.24
C SER A 82 -3.78 21.57 12.84
N GLY A 83 -4.92 20.96 13.05
CA GLY A 83 -6.19 21.60 12.82
C GLY A 83 -6.71 21.35 11.43
N PHE A 84 -7.97 21.54 11.22
CA PHE A 84 -8.60 21.40 9.92
C PHE A 84 -9.71 22.41 9.80
N ILE A 85 -10.04 22.79 8.58
CA ILE A 85 -11.09 23.79 8.25
C ILE A 85 -12.13 23.12 7.44
N LYS A 86 -13.42 23.34 7.78
CA LYS A 86 -14.52 22.97 6.97
C LYS A 86 -15.11 24.24 6.33
N VAL A 87 -15.20 24.21 5.03
CA VAL A 87 -15.63 25.42 4.28
C VAL A 87 -16.39 24.94 3.07
N LYS A 88 -17.34 25.77 2.63
CA LYS A 88 -18.10 25.54 1.42
C LYS A 88 -17.87 26.65 0.40
N THR A 89 -17.72 26.21 -0.84
CA THR A 89 -17.54 27.22 -1.92
C THR A 89 -18.85 27.91 -2.22
N ASP A 90 -18.76 29.12 -2.74
CA ASP A 90 -19.90 29.85 -3.28
C ASP A 90 -20.21 29.22 -4.61
N THR A 91 -21.21 29.91 -5.22
CA THR A 91 -21.74 29.48 -6.51
C THR A 91 -20.77 29.61 -7.65
N PHE A 92 -19.63 30.28 -7.38
CA PHE A 92 -18.49 30.52 -8.35
C PHE A 92 -17.28 29.68 -8.03
N GLY A 93 -17.39 28.69 -7.13
CA GLY A 93 -16.29 27.78 -6.81
C GLY A 93 -15.15 28.45 -6.03
N THR A 94 -15.46 29.41 -5.21
CA THR A 94 -14.45 30.09 -4.41
C THR A 94 -14.78 30.09 -2.96
N PHE A 95 -13.77 30.30 -2.12
CA PHE A 95 -13.98 30.57 -0.72
C PHE A 95 -12.84 31.44 -0.22
N ASP A 96 -13.07 32.11 0.90
CA ASP A 96 -12.10 32.94 1.53
C ASP A 96 -11.65 32.42 2.89
N LEU A 97 -10.37 32.59 3.15
CA LEU A 97 -9.76 32.34 4.47
C LEU A 97 -9.19 33.58 5.01
N SER A 98 -9.08 33.68 6.34
CA SER A 98 -8.40 34.77 7.03
C SER A 98 -7.12 34.15 7.60
N VAL A 99 -5.97 34.68 7.25
CA VAL A 99 -4.64 34.10 7.59
C VAL A 99 -3.81 35.13 8.31
N VAL A 100 -3.21 34.70 9.40
CA VAL A 100 -2.38 35.61 10.21
C VAL A 100 -1.03 35.01 10.56
N LEU A 101 0.02 35.74 10.41
CA LEU A 101 1.37 35.32 10.86
C LEU A 101 1.70 36.10 12.07
N THR A 102 2.21 35.50 13.10
CA THR A 102 2.60 36.23 14.29
C THR A 102 3.78 37.12 14.03
N THR A 103 4.74 36.69 13.27
CA THR A 103 5.91 37.46 12.84
C THR A 103 5.94 37.40 11.34
N ALA A 104 5.62 38.52 10.67
CA ALA A 104 5.48 38.55 9.20
C ALA A 104 6.73 38.46 8.46
N SER A 105 7.89 38.63 9.06
CA SER A 105 9.14 38.50 8.38
C SER A 105 9.52 37.05 8.10
N LYS A 106 8.71 36.08 8.59
CA LYS A 106 8.94 34.64 8.31
C LYS A 106 8.28 34.35 6.97
N LYS A 107 9.02 34.32 5.90
CA LYS A 107 8.45 34.21 4.55
C LYS A 107 8.57 32.79 4.00
N GLN A 108 8.63 31.77 4.89
CA GLN A 108 8.50 30.40 4.48
C GLN A 108 7.19 30.10 3.85
N THR A 109 7.13 29.01 3.08
CA THR A 109 5.96 28.62 2.35
C THR A 109 5.30 27.42 2.99
N THR A 110 4.07 27.59 3.38
CA THR A 110 3.29 26.45 3.91
C THR A 110 1.96 26.43 3.17
N GLY A 111 1.06 25.50 3.43
CA GLY A 111 -0.13 25.38 2.61
C GLY A 111 -1.07 24.35 3.16
N PHE A 112 -2.01 23.97 2.33
CA PHE A 112 -3.08 23.06 2.73
C PHE A 112 -3.55 22.22 1.59
N ASN A 113 -4.02 21.06 1.94
CA ASN A 113 -4.81 20.18 1.09
C ASN A 113 -6.25 20.62 1.05
N ILE A 114 -6.90 20.50 -0.11
CA ILE A 114 -8.32 20.73 -0.32
C ILE A 114 -8.96 19.44 -0.61
N ILE A 115 -9.77 18.92 0.32
CA ILE A 115 -10.27 17.56 0.28
C ILE A 115 -11.74 17.54 0.06
N ALA A 116 -12.16 16.60 -0.79
CA ALA A 116 -13.56 16.43 -1.15
C ALA A 116 -13.88 14.96 -1.29
N ALA A 117 -15.20 14.67 -1.28
CA ALA A 117 -15.68 13.30 -1.56
C ALA A 117 -16.74 13.22 -2.63
N ASP B 7 -20.64 15.50 0.97
CA ASP B 7 -19.94 16.07 2.15
C ASP B 7 -18.72 15.19 2.60
N VAL B 8 -17.92 15.73 3.46
CA VAL B 8 -16.72 15.12 4.03
C VAL B 8 -16.55 15.56 5.45
N ARG B 9 -15.94 14.70 6.31
CA ARG B 9 -15.81 14.98 7.67
C ARG B 9 -14.62 14.21 8.25
N VAL B 10 -14.14 14.66 9.38
CA VAL B 10 -13.17 13.89 10.15
C VAL B 10 -13.90 12.90 11.07
N ASP B 11 -13.73 11.65 10.84
CA ASP B 11 -14.30 10.62 11.68
C ASP B 11 -13.65 10.54 13.00
N LYS B 12 -12.30 10.50 13.05
CA LYS B 12 -11.58 10.48 14.29
C LYS B 12 -10.12 10.73 14.02
N ALA B 13 -9.41 11.03 15.02
CA ALA B 13 -7.99 11.29 15.00
C ALA B 13 -7.29 10.13 15.71
N VAL B 14 -6.16 9.68 15.20
CA VAL B 14 -5.40 8.54 15.79
C VAL B 14 -3.95 8.90 15.80
N ASN B 15 -3.20 8.53 16.80
CA ASN B 15 -1.78 8.72 16.79
C ASN B 15 -1.08 7.65 16.05
N PHE B 16 0.02 7.98 15.37
CA PHE B 16 0.92 6.99 14.83
C PHE B 16 1.58 6.21 15.96
N ILE B 17 1.84 4.93 15.70
CA ILE B 17 2.64 4.07 16.57
C ILE B 17 4.05 4.63 16.61
N LYS B 18 4.79 4.15 17.62
CA LYS B 18 6.21 4.48 17.88
C LYS B 18 6.99 3.20 17.70
N PRO B 19 7.52 2.91 16.50
CA PRO B 19 8.26 1.68 16.23
C PRO B 19 9.45 1.53 17.14
N GLU B 20 9.82 0.27 17.36
CA GLU B 20 10.88 -0.06 18.31
C GLU B 20 12.29 0.05 17.72
N VAL B 21 12.41 -0.21 16.45
CA VAL B 21 13.74 -0.39 15.80
C VAL B 21 13.90 0.61 14.66
N SER B 22 15.03 1.32 14.64
CA SER B 22 15.28 2.34 13.59
C SER B 22 15.19 1.74 12.26
N GLY B 23 14.40 2.28 11.37
CA GLY B 23 14.36 1.92 10.00
C GLY B 23 13.55 0.65 9.70
N VAL B 24 12.94 0.00 10.69
CA VAL B 24 12.25 -1.21 10.51
C VAL B 24 10.78 -0.98 10.71
N ALA B 25 10.03 -1.17 9.66
CA ALA B 25 8.59 -0.90 9.74
C ALA B 25 7.85 -1.78 10.68
N GLU B 26 6.80 -1.31 11.29
CA GLU B 26 5.84 -2.07 12.09
C GLU B 26 4.49 -1.81 11.53
N ILE B 27 3.58 -2.73 11.73
CA ILE B 27 2.19 -2.59 11.33
C ILE B 27 1.38 -1.92 12.33
N GLN B 28 0.65 -0.87 11.99
CA GLN B 28 -0.35 -0.26 12.80
C GLN B 28 -1.67 -0.63 12.28
N THR B 29 -2.55 -1.16 13.12
CA THR B 29 -3.91 -1.48 12.73
C THR B 29 -4.85 -0.45 13.29
N VAL B 30 -5.75 0.01 12.46
CA VAL B 30 -6.76 0.92 12.81
C VAL B 30 -8.10 0.17 12.80
N THR B 31 -8.92 0.39 13.80
CA THR B 31 -10.17 -0.35 13.95
C THR B 31 -11.28 0.61 14.24
N GLY B 32 -12.49 0.07 14.25
CA GLY B 32 -13.64 0.81 14.70
C GLY B 32 -14.27 1.67 13.67
N LEU B 33 -13.98 1.42 12.41
CA LEU B 33 -14.54 2.22 11.30
C LEU B 33 -15.63 1.45 10.56
N SER B 34 -16.20 2.02 9.54
CA SER B 34 -17.26 1.29 8.84
C SER B 34 -16.66 0.25 8.03
N PRO B 35 -17.30 -0.92 7.91
CA PRO B 35 -16.83 -1.90 7.01
C PRO B 35 -16.73 -1.47 5.54
N SER B 36 -15.80 -1.97 4.85
CA SER B 36 -15.72 -1.81 3.41
C SER B 36 -15.96 -0.40 2.89
N THR B 37 -15.25 0.57 3.50
CA THR B 37 -15.40 1.99 3.27
C THR B 37 -14.05 2.65 2.98
N SER B 38 -14.03 3.60 2.05
CA SER B 38 -12.84 4.35 1.71
C SER B 38 -12.64 5.52 2.65
N TYR B 39 -11.34 5.67 3.10
CA TYR B 39 -10.96 6.78 3.94
C TYR B 39 -9.69 7.43 3.39
N LEU B 40 -9.51 8.68 3.81
CA LEU B 40 -8.32 9.45 3.49
C LEU B 40 -7.67 9.81 4.82
N LEU B 41 -6.36 9.62 4.96
CA LEU B 41 -5.62 9.93 6.17
C LEU B 41 -4.68 11.10 5.86
N THR B 42 -4.63 12.08 6.74
CA THR B 42 -3.75 13.20 6.63
C THR B 42 -2.98 13.39 7.94
N PRO B 43 -1.73 13.83 7.88
CA PRO B 43 -0.92 13.98 9.07
C PRO B 43 -1.21 15.20 9.91
N ALA B 44 -0.88 15.15 11.17
CA ALA B 44 -0.99 16.30 12.08
C ALA B 44 -0.25 16.00 13.36
N PHE B 45 0.19 16.99 14.10
CA PHE B 45 0.71 16.74 15.47
C PHE B 45 0.60 18.01 16.24
N LEU B 46 0.69 17.92 17.55
CA LEU B 46 0.41 19.01 18.47
C LEU B 46 1.42 19.10 19.56
N GLU B 47 2.03 20.21 19.73
CA GLU B 47 2.84 20.53 20.89
C GLU B 47 4.00 19.62 21.15
N GLN B 48 4.80 19.32 20.17
CA GLN B 48 5.88 18.37 20.34
C GLN B 48 7.19 19.02 20.42
N ASN B 49 8.07 18.49 21.26
CA ASN B 49 9.47 18.93 21.28
C ASN B 49 10.31 17.84 20.63
N PHE B 50 10.58 17.99 19.35
CA PHE B 50 11.39 17.10 18.56
C PHE B 50 12.90 17.18 18.82
N GLN B 51 13.31 18.08 19.71
CA GLN B 51 14.71 18.19 20.03
C GLN B 51 14.94 17.88 21.50
N SER B 52 14.11 17.08 22.11
CA SER B 52 14.32 16.62 23.50
C SER B 52 15.51 15.68 23.68
N GLU B 53 15.97 15.09 22.61
CA GLU B 53 17.20 14.26 22.60
C GLU B 53 17.75 14.32 21.19
N ALA B 54 18.95 13.77 20.99
CA ALA B 54 19.65 13.87 19.73
C ALA B 54 18.90 13.14 18.62
N GLY B 55 19.22 13.43 17.41
CA GLY B 55 18.68 12.87 16.23
C GLY B 55 17.40 13.52 15.72
N ILE B 56 16.97 13.09 14.59
CA ILE B 56 15.88 13.71 13.87
C ILE B 56 14.70 12.78 13.83
N TYR B 57 13.51 13.30 14.16
CA TYR B 57 12.27 12.58 14.03
C TYR B 57 11.93 12.53 12.56
N ILE B 58 11.84 11.38 11.96
CA ILE B 58 11.44 11.18 10.55
C ILE B 58 10.54 9.98 10.49
N LEU B 59 9.27 10.16 10.18
CA LEU B 59 8.28 9.11 10.05
C LEU B 59 7.87 9.01 8.61
N SER B 60 7.64 7.82 8.12
CA SER B 60 7.01 7.53 6.86
C SER B 60 5.93 6.50 7.09
N ALA B 61 4.78 6.65 6.50
CA ALA B 61 3.69 5.67 6.67
C ALA B 61 3.04 5.48 5.33
N THR B 62 2.69 4.22 5.01
CA THR B 62 2.00 3.85 3.82
C THR B 62 0.91 2.85 4.21
N PRO B 63 -0.12 2.70 3.45
CA PRO B 63 -1.07 1.61 3.70
C PRO B 63 -0.47 0.33 3.23
N VAL B 64 -0.72 -0.79 3.91
CA VAL B 64 -0.36 -2.10 3.37
C VAL B 64 -1.01 -2.31 2.02
N GLU B 65 -2.26 -2.03 1.88
CA GLU B 65 -2.99 -2.02 0.61
C GLU B 65 -3.72 -0.71 0.47
N GLY B 66 -3.26 0.07 -0.48
CA GLY B 66 -3.87 1.40 -0.75
C GLY B 66 -2.95 2.22 -1.54
N GLU B 67 -3.10 3.51 -1.41
CA GLU B 67 -2.24 4.48 -2.10
C GLU B 67 -1.75 5.55 -1.18
N GLY B 68 -0.59 6.10 -1.48
CA GLY B 68 -0.13 7.34 -0.81
C GLY B 68 0.97 7.03 0.18
N THR B 69 1.70 8.07 0.53
CA THR B 69 2.69 8.05 1.62
C THR B 69 2.58 9.31 2.43
N ILE B 70 2.58 9.18 3.76
CA ILE B 70 2.65 10.34 4.65
C ILE B 70 4.08 10.48 5.07
N SER B 71 4.64 11.69 5.10
CA SER B 71 5.98 11.99 5.53
C SER B 71 5.94 13.09 6.58
N ILE B 72 6.61 12.83 7.68
CA ILE B 72 6.86 13.87 8.67
C ILE B 72 8.35 13.88 8.96
N ASN B 73 9.08 14.84 8.49
CA ASN B 73 10.51 14.96 8.61
C ASN B 73 10.84 16.24 9.30
N MET B 74 11.33 16.16 10.55
CA MET B 74 11.55 17.30 11.38
C MET B 74 13.01 17.76 11.35
N ASP B 75 13.67 17.45 10.30
CA ASP B 75 15.05 18.05 10.11
C ASP B 75 14.98 19.59 10.20
N PRO B 76 15.80 20.23 11.00
CA PRO B 76 15.64 21.61 11.33
C PRO B 76 15.94 22.58 10.25
N THR B 77 16.51 22.19 9.14
CA THR B 77 16.62 23.14 8.02
C THR B 77 15.97 22.63 6.79
N VAL B 78 15.31 21.45 6.85
CA VAL B 78 14.59 20.94 5.77
C VAL B 78 13.36 20.16 6.30
N THR B 79 12.32 20.88 6.68
CA THR B 79 11.20 20.31 7.43
C THR B 79 10.07 20.05 6.51
N THR B 80 9.43 18.89 6.63
CA THR B 80 8.33 18.48 5.77
C THR B 80 7.22 17.89 6.57
N VAL B 81 5.98 18.24 6.29
CA VAL B 81 4.79 17.46 6.77
C VAL B 81 3.90 17.35 5.59
N SER B 82 3.78 16.16 4.98
CA SER B 82 3.15 16.10 3.65
C SER B 82 2.51 14.75 3.44
N GLY B 83 1.77 14.68 2.36
CA GLY B 83 1.19 13.49 1.89
C GLY B 83 -0.12 13.10 2.55
N PHE B 84 -0.59 11.96 2.10
CA PHE B 84 -1.87 11.39 2.50
C PHE B 84 -1.88 9.93 2.19
N ILE B 85 -2.85 9.23 2.79
CA ILE B 85 -3.05 7.83 2.47
C ILE B 85 -4.50 7.61 2.11
N LYS B 86 -4.71 6.91 1.03
CA LYS B 86 -6.05 6.42 0.65
C LYS B 86 -6.12 4.94 0.96
N VAL B 87 -7.09 4.54 1.76
CA VAL B 87 -7.18 3.15 2.26
C VAL B 87 -8.61 2.78 2.50
N LYS B 88 -8.90 1.54 2.17
CA LYS B 88 -10.20 0.96 2.40
C LYS B 88 -10.22 -0.04 3.54
N THR B 89 -11.24 0.05 4.41
CA THR B 89 -11.37 -0.96 5.45
C THR B 89 -11.78 -2.31 4.89
N ASP B 90 -11.45 -3.35 5.65
CA ASP B 90 -11.99 -4.69 5.38
C ASP B 90 -13.45 -4.72 5.84
N THR B 91 -14.01 -5.94 5.82
CA THR B 91 -15.37 -6.19 6.24
C THR B 91 -15.60 -6.07 7.73
N PHE B 92 -14.52 -5.94 8.48
CA PHE B 92 -14.54 -5.81 9.90
C PHE B 92 -14.25 -4.37 10.36
N GLY B 93 -14.14 -3.40 9.42
CA GLY B 93 -13.90 -2.04 9.86
C GLY B 93 -12.48 -1.72 10.23
N THR B 94 -11.54 -2.46 9.69
CA THR B 94 -10.11 -2.23 10.00
C THR B 94 -9.26 -2.08 8.83
N PHE B 95 -8.11 -1.44 8.99
CA PHE B 95 -7.09 -1.43 7.97
C PHE B 95 -5.67 -1.42 8.64
N ASP B 96 -4.67 -1.76 7.86
CA ASP B 96 -3.32 -1.78 8.36
C ASP B 96 -2.45 -0.75 7.58
N LEU B 97 -1.59 -0.11 8.32
CA LEU B 97 -0.51 0.76 7.84
C LEU B 97 0.85 0.17 8.14
N SER B 98 1.84 0.50 7.36
CA SER B 98 3.25 0.20 7.66
C SER B 98 3.92 1.52 8.04
N VAL B 99 4.49 1.58 9.25
CA VAL B 99 5.01 2.88 9.81
C VAL B 99 6.48 2.69 10.12
N VAL B 100 7.33 3.58 9.65
CA VAL B 100 8.78 3.48 9.85
C VAL B 100 9.28 4.79 10.44
N LEU B 101 10.06 4.65 11.49
CA LEU B 101 10.76 5.82 12.08
C LEU B 101 12.21 5.67 11.75
N THR B 102 12.86 6.63 11.16
CA THR B 102 14.24 6.51 10.81
C THR B 102 15.14 6.35 11.99
N THR B 103 14.92 6.99 13.04
CA THR B 103 15.63 6.86 14.31
C THR B 103 14.58 6.58 15.38
N ALA B 104 14.60 5.37 15.93
CA ALA B 104 13.50 4.93 16.81
C ALA B 104 13.55 5.45 18.19
N SER B 105 14.62 6.10 18.60
CA SER B 105 14.73 6.72 19.90
C SER B 105 13.97 8.06 20.00
N LYS B 106 13.43 8.52 18.86
CA LYS B 106 12.59 9.73 18.79
C LYS B 106 11.18 9.33 19.16
N LYS B 107 10.78 9.47 20.43
CA LYS B 107 9.53 8.94 20.97
C LYS B 107 8.46 10.06 21.04
N GLN B 108 8.56 11.09 20.18
CA GLN B 108 7.53 12.13 20.07
C GLN B 108 6.27 11.47 19.52
N THR B 109 5.17 12.15 19.69
CA THR B 109 3.83 11.73 19.24
C THR B 109 3.38 12.51 18.03
N THR B 110 3.08 11.80 16.96
CA THR B 110 2.43 12.38 15.81
C THR B 110 1.26 11.57 15.40
N GLY B 111 0.43 12.00 14.43
CA GLY B 111 -0.79 11.26 14.16
C GLY B 111 -1.40 11.70 12.85
N PHE B 112 -2.65 11.30 12.69
CA PHE B 112 -3.35 11.54 11.45
C PHE B 112 -4.81 11.70 11.76
N ASN B 113 -5.50 12.39 10.88
CA ASN B 113 -6.96 12.46 10.82
C ASN B 113 -7.48 11.45 9.83
N ILE B 114 -8.57 10.79 10.18
CA ILE B 114 -9.26 9.85 9.34
C ILE B 114 -10.48 10.54 8.77
N ILE B 115 -10.48 10.76 7.45
CA ILE B 115 -11.49 11.57 6.76
C ILE B 115 -12.36 10.64 5.97
N ALA B 116 -13.69 10.90 6.10
CA ALA B 116 -14.75 10.09 5.52
C ALA B 116 -15.75 10.95 4.70
N ALA B 117 -16.34 10.33 3.71
CA ALA B 117 -17.51 10.91 3.04
C ALA B 117 -18.71 10.87 4.01
N THR B 118 -19.63 11.81 3.84
CA THR B 118 -20.89 11.73 4.57
C THR B 118 -21.93 12.47 3.70
N ASP C 7 -11.03 -29.19 2.90
CA ASP C 7 -11.13 -27.89 2.14
C ASP C 7 -9.80 -27.14 2.23
N VAL C 8 -9.61 -26.20 1.32
CA VAL C 8 -8.31 -25.48 1.16
C VAL C 8 -8.55 -24.01 0.85
N ARG C 9 -7.88 -23.11 1.60
CA ARG C 9 -8.14 -21.67 1.42
C ARG C 9 -6.86 -20.84 1.55
N VAL C 10 -6.91 -19.60 1.10
CA VAL C 10 -5.87 -18.62 1.36
C VAL C 10 -6.24 -18.01 2.67
N ASP C 11 -5.45 -18.25 3.70
CA ASP C 11 -5.67 -17.69 5.01
C ASP C 11 -5.28 -16.23 5.15
N LYS C 12 -4.24 -15.79 4.42
CA LYS C 12 -3.55 -14.55 4.72
C LYS C 12 -2.73 -14.28 3.46
N ALA C 13 -2.67 -13.03 3.08
CA ALA C 13 -1.73 -12.50 2.07
C ALA C 13 -0.69 -11.64 2.73
N VAL C 14 0.61 -11.89 2.46
CA VAL C 14 1.64 -11.14 3.13
C VAL C 14 2.66 -10.67 2.08
N ASN C 15 3.12 -9.49 2.19
CA ASN C 15 4.17 -9.01 1.32
C ASN C 15 5.56 -9.39 1.73
N PHE C 16 6.42 -9.69 0.79
CA PHE C 16 7.83 -9.88 1.10
C PHE C 16 8.48 -8.63 1.61
N ILE C 17 9.42 -8.76 2.51
CA ILE C 17 10.30 -7.66 2.87
C ILE C 17 11.14 -7.21 1.68
N LYS C 18 11.83 -6.11 1.91
CA LYS C 18 12.64 -5.39 0.93
C LYS C 18 14.03 -5.31 1.51
N PRO C 19 14.85 -6.28 1.32
CA PRO C 19 16.18 -6.29 1.97
C PRO C 19 16.98 -5.11 1.59
N GLU C 20 17.81 -4.64 2.51
CA GLU C 20 18.58 -3.43 2.35
C GLU C 20 19.76 -3.53 1.44
N VAL C 21 20.41 -4.62 1.36
CA VAL C 21 21.68 -4.73 0.64
C VAL C 21 21.57 -5.84 -0.38
N SER C 22 21.99 -5.55 -1.58
CA SER C 22 22.02 -6.49 -2.67
C SER C 22 22.75 -7.72 -2.31
N GLY C 23 22.13 -8.90 -2.53
CA GLY C 23 22.73 -10.18 -2.29
C GLY C 23 22.82 -10.66 -0.86
N VAL C 24 22.46 -9.82 0.09
CA VAL C 24 22.60 -10.17 1.50
C VAL C 24 21.20 -10.51 2.03
N ALA C 25 21.05 -11.78 2.44
CA ALA C 25 19.72 -12.26 2.90
C ALA C 25 19.36 -11.57 4.18
N GLU C 26 18.06 -11.39 4.38
CA GLU C 26 17.51 -10.97 5.63
C GLU C 26 16.36 -11.92 5.99
N ILE C 27 16.18 -12.16 7.26
CA ILE C 27 15.11 -13.08 7.72
C ILE C 27 13.83 -12.27 7.87
N GLN C 28 12.76 -12.76 7.23
CA GLN C 28 11.41 -12.28 7.38
C GLN C 28 10.66 -13.21 8.34
N THR C 29 10.10 -12.65 9.38
CA THR C 29 9.27 -13.45 10.30
C THR C 29 7.83 -13.15 10.00
N VAL C 30 7.04 -14.16 9.74
CA VAL C 30 5.64 -14.10 9.46
C VAL C 30 4.93 -14.53 10.78
N THR C 31 3.96 -13.72 11.24
CA THR C 31 3.34 -13.87 12.48
C THR C 31 1.81 -13.96 12.37
N GLY C 32 1.13 -14.29 13.43
CA GLY C 32 -0.33 -14.21 13.48
C GLY C 32 -1.07 -15.37 12.91
N LEU C 33 -0.42 -16.48 12.75
CA LEU C 33 -1.01 -17.65 12.15
C LEU C 33 -1.38 -18.69 13.20
N SER C 34 -2.00 -19.76 12.85
CA SER C 34 -2.28 -20.78 13.79
C SER C 34 -1.03 -21.48 14.24
N PRO C 35 -0.88 -21.64 15.56
CA PRO C 35 0.28 -22.40 16.04
C PRO C 35 0.44 -23.81 15.53
N SER C 36 1.62 -24.26 15.33
CA SER C 36 1.89 -25.55 15.01
C SER C 36 1.09 -26.12 13.84
N THR C 37 0.96 -25.30 12.79
CA THR C 37 0.11 -25.55 11.59
C THR C 37 0.98 -25.52 10.34
N SER C 38 0.72 -26.45 9.42
CA SER C 38 1.39 -26.46 8.09
C SER C 38 0.73 -25.55 7.11
N TYR C 39 1.54 -24.77 6.41
CA TYR C 39 1.09 -23.81 5.39
C TYR C 39 1.90 -24.06 4.11
N LEU C 40 1.27 -23.66 3.01
CA LEU C 40 1.91 -23.59 1.70
C LEU C 40 1.89 -22.19 1.23
N LEU C 41 3.04 -21.71 0.70
CA LEU C 41 3.17 -20.33 0.22
C LEU C 41 3.39 -20.36 -1.27
N THR C 42 2.73 -19.46 -1.98
CA THR C 42 2.90 -19.28 -3.45
C THR C 42 3.01 -17.79 -3.78
N PRO C 43 3.75 -17.42 -4.81
CA PRO C 43 3.96 -16.00 -5.05
C PRO C 43 2.81 -15.27 -5.69
N ALA C 44 2.72 -14.00 -5.41
CA ALA C 44 1.73 -13.07 -6.02
C ALA C 44 2.06 -11.66 -5.96
N PHE C 45 1.70 -10.84 -6.93
CA PHE C 45 1.89 -9.43 -6.83
C PHE C 45 0.90 -8.73 -7.77
N LEU C 46 0.68 -7.44 -7.53
CA LEU C 46 -0.41 -6.70 -8.17
C LEU C 46 0.07 -5.37 -8.65
N GLU C 47 -0.08 -5.11 -9.96
CA GLU C 47 0.14 -3.80 -10.62
C GLU C 47 1.48 -3.17 -10.29
N GLN C 48 2.57 -3.90 -10.51
CA GLN C 48 3.88 -3.41 -10.24
C GLN C 48 4.60 -2.95 -11.45
N ASN C 49 5.33 -1.84 -11.36
CA ASN C 49 6.23 -1.38 -12.34
C ASN C 49 7.68 -1.76 -11.99
N PHE C 50 8.16 -2.85 -12.57
CA PHE C 50 9.48 -3.37 -12.28
C PHE C 50 10.61 -2.70 -13.04
N GLN C 51 10.19 -1.76 -13.89
CA GLN C 51 11.16 -0.99 -14.69
C GLN C 51 11.08 0.53 -14.34
N SER C 52 10.65 0.87 -13.11
CA SER C 52 10.65 2.25 -12.64
C SER C 52 12.06 2.84 -12.47
N GLU C 53 13.09 2.02 -12.43
CA GLU C 53 14.49 2.49 -12.29
C GLU C 53 15.31 1.37 -12.90
N ALA C 54 16.60 1.56 -13.03
CA ALA C 54 17.48 0.58 -13.57
C ALA C 54 17.43 -0.76 -12.80
N GLY C 55 17.86 -1.80 -13.50
CA GLY C 55 18.12 -3.06 -12.89
C GLY C 55 16.89 -3.96 -12.90
N ILE C 56 17.14 -5.24 -12.57
CA ILE C 56 16.12 -6.31 -12.61
C ILE C 56 15.68 -6.74 -11.20
N TYR C 57 14.41 -6.78 -10.92
CA TYR C 57 13.83 -7.29 -9.68
C TYR C 57 14.02 -8.76 -9.69
N ILE C 58 14.84 -9.36 -8.76
CA ILE C 58 15.05 -10.79 -8.56
C ILE C 58 15.01 -11.09 -7.12
N LEU C 59 14.02 -11.84 -6.68
CA LEU C 59 13.82 -12.28 -5.28
C LEU C 59 13.90 -13.73 -5.22
N SER C 60 14.52 -14.28 -4.18
CA SER C 60 14.46 -15.66 -3.74
C SER C 60 14.09 -15.74 -2.29
N ALA C 61 13.14 -16.54 -1.97
CA ALA C 61 12.75 -16.82 -0.55
C ALA C 61 12.85 -18.27 -0.26
N THR C 62 13.45 -18.55 0.89
CA THR C 62 13.72 -19.89 1.34
C THR C 62 13.27 -20.04 2.80
N PRO C 63 12.48 -21.08 3.11
CA PRO C 63 12.13 -21.28 4.56
C PRO C 63 13.41 -21.61 5.35
N VAL C 64 13.49 -21.04 6.53
CA VAL C 64 14.63 -21.38 7.41
C VAL C 64 14.43 -22.86 7.78
N GLU C 65 13.22 -23.29 8.06
CA GLU C 65 12.92 -24.68 8.31
C GLU C 65 11.71 -25.10 7.45
N GLY C 66 11.88 -25.82 6.38
CA GLY C 66 10.77 -26.26 5.54
C GLY C 66 11.30 -26.69 4.18
N GLU C 67 10.42 -26.71 3.20
CA GLU C 67 10.76 -27.24 1.92
C GLU C 67 10.38 -26.25 0.86
N GLY C 68 11.09 -26.25 -0.29
CA GLY C 68 10.78 -25.33 -1.38
C GLY C 68 11.48 -24.03 -1.29
N THR C 69 11.19 -23.27 -2.33
CA THR C 69 11.62 -21.88 -2.45
C THR C 69 10.58 -21.14 -3.29
N ILE C 70 10.54 -19.82 -3.23
CA ILE C 70 9.84 -18.97 -4.14
C ILE C 70 10.84 -18.16 -4.92
N SER C 71 10.60 -18.06 -6.23
CA SER C 71 11.40 -17.29 -7.21
C SER C 71 10.60 -16.27 -7.93
N ILE C 72 11.02 -15.05 -7.92
CA ILE C 72 10.46 -13.98 -8.73
C ILE C 72 11.59 -13.33 -9.48
N ASN C 73 11.71 -13.51 -10.80
CA ASN C 73 12.79 -12.90 -11.61
C ASN C 73 12.13 -12.21 -12.74
N MET C 74 12.14 -10.90 -12.76
CA MET C 74 11.48 -10.11 -13.77
C MET C 74 12.38 -9.75 -14.94
N ASP C 75 13.36 -10.48 -15.18
CA ASP C 75 14.22 -10.29 -16.40
C ASP C 75 13.33 -10.24 -17.63
N PRO C 76 13.49 -9.19 -18.50
CA PRO C 76 12.49 -9.00 -19.57
C PRO C 76 12.41 -10.07 -20.66
N THR C 77 13.37 -10.94 -20.76
CA THR C 77 13.29 -12.06 -21.75
C THR C 77 13.34 -13.40 -21.08
N VAL C 78 13.45 -13.47 -19.75
CA VAL C 78 13.52 -14.73 -19.02
C VAL C 78 12.81 -14.57 -17.67
N THR C 79 11.51 -14.54 -17.68
CA THR C 79 10.72 -14.16 -16.53
C THR C 79 10.19 -15.33 -15.80
N THR C 80 10.32 -15.34 -14.46
CA THR C 80 9.88 -16.44 -13.64
C THR C 80 9.07 -15.94 -12.45
N VAL C 81 7.90 -16.45 -12.20
CA VAL C 81 7.16 -16.24 -10.95
C VAL C 81 6.68 -17.60 -10.56
N SER C 82 7.39 -18.29 -9.66
CA SER C 82 7.15 -19.71 -9.46
C SER C 82 7.72 -20.16 -8.14
N GLY C 83 7.57 -21.44 -7.82
CA GLY C 83 7.97 -22.05 -6.61
C GLY C 83 6.91 -21.99 -5.58
N PHE C 84 6.97 -22.98 -4.71
CA PHE C 84 6.11 -22.99 -3.52
C PHE C 84 6.90 -23.51 -2.33
N ILE C 85 6.52 -22.97 -1.19
CA ILE C 85 7.14 -23.30 0.12
C ILE C 85 6.20 -24.02 1.00
N LYS C 86 6.69 -25.05 1.65
CA LYS C 86 5.95 -25.69 2.78
C LYS C 86 6.69 -25.39 4.08
N VAL C 87 5.94 -24.87 5.02
CA VAL C 87 6.48 -24.43 6.33
C VAL C 87 5.49 -24.71 7.37
N LYS C 88 5.96 -25.02 8.60
CA LYS C 88 5.10 -25.26 9.81
C LYS C 88 5.38 -24.16 10.77
N THR C 89 4.36 -23.56 11.33
CA THR C 89 4.59 -22.53 12.34
C THR C 89 4.99 -23.14 13.64
N ASP C 90 5.62 -22.32 14.44
CA ASP C 90 6.00 -22.69 15.83
C ASP C 90 4.75 -22.55 16.73
N THR C 91 4.98 -22.70 18.06
CA THR C 91 3.83 -22.66 18.99
C THR C 91 3.31 -21.30 19.13
N PHE C 92 4.01 -20.30 18.63
CA PHE C 92 3.59 -18.96 18.62
C PHE C 92 2.87 -18.56 17.29
N GLY C 93 2.71 -19.51 16.41
CA GLY C 93 2.08 -19.22 15.08
C GLY C 93 2.97 -18.32 14.21
N THR C 94 4.28 -18.48 14.28
CA THR C 94 5.20 -17.76 13.40
C THR C 94 6.08 -18.74 12.61
N PHE C 95 6.62 -18.23 11.51
CA PHE C 95 7.70 -18.91 10.75
C PHE C 95 8.61 -17.88 10.13
N ASP C 96 9.80 -18.33 9.82
CA ASP C 96 10.82 -17.52 9.20
C ASP C 96 11.18 -17.90 7.78
N LEU C 97 11.42 -16.84 6.95
CA LEU C 97 11.91 -16.97 5.61
C LEU C 97 13.21 -16.22 5.46
N SER C 98 14.13 -16.76 4.70
CA SER C 98 15.35 -16.02 4.28
C SER C 98 15.10 -15.40 2.90
N VAL C 99 15.14 -14.12 2.78
CA VAL C 99 14.80 -13.43 1.57
C VAL C 99 16.02 -12.72 1.05
N VAL C 100 16.28 -12.84 -0.23
CA VAL C 100 17.41 -12.13 -0.91
C VAL C 100 16.93 -11.44 -2.18
N LEU C 101 17.31 -10.21 -2.33
CA LEU C 101 17.11 -9.41 -3.55
C LEU C 101 18.42 -9.31 -4.24
N THR C 102 18.52 -9.67 -5.52
CA THR C 102 19.76 -9.56 -6.24
C THR C 102 20.23 -8.11 -6.36
N THR C 103 19.37 -7.21 -6.58
CA THR C 103 19.59 -5.74 -6.67
C THR C 103 18.59 -5.07 -5.77
N ALA C 104 19.07 -4.61 -4.59
CA ALA C 104 18.19 -4.16 -3.52
C ALA C 104 17.49 -2.86 -3.80
N SER C 105 17.97 -2.09 -4.81
CA SER C 105 17.30 -0.87 -5.18
C SER C 105 15.99 -1.06 -5.94
N LYS C 106 15.62 -2.31 -6.21
CA LYS C 106 14.34 -2.68 -6.78
C LYS C 106 13.33 -2.73 -5.62
N LYS C 107 12.58 -1.65 -5.37
CA LYS C 107 11.76 -1.60 -4.17
C LYS C 107 10.30 -1.85 -4.47
N GLN C 108 10.00 -2.56 -5.58
CA GLN C 108 8.66 -3.02 -5.90
C GLN C 108 8.12 -3.92 -4.80
N THR C 109 6.84 -4.03 -4.72
CA THR C 109 6.16 -4.81 -3.73
C THR C 109 5.70 -6.12 -4.29
N THR C 110 6.13 -7.27 -3.75
CA THR C 110 5.65 -8.57 -4.13
C THR C 110 5.34 -9.35 -2.85
N GLY C 111 4.70 -10.43 -2.93
CA GLY C 111 4.23 -11.17 -1.75
C GLY C 111 3.90 -12.58 -2.07
N PHE C 112 3.13 -13.16 -1.16
CA PHE C 112 2.80 -14.54 -1.18
C PHE C 112 1.46 -14.81 -0.55
N ASN C 113 0.76 -15.80 -1.07
CA ASN C 113 -0.40 -16.39 -0.47
C ASN C 113 0.03 -17.35 0.59
N ILE C 114 -0.70 -17.36 1.73
CA ILE C 114 -0.54 -18.33 2.79
C ILE C 114 -1.72 -19.25 2.81
N ILE C 115 -1.54 -20.52 2.48
CA ILE C 115 -2.61 -21.46 2.18
C ILE C 115 -2.54 -22.56 3.21
N ALA C 116 -3.76 -22.92 3.65
CA ALA C 116 -4.01 -23.92 4.68
C ALA C 116 -5.22 -24.83 4.39
N ALA C 117 -5.16 -26.02 4.95
CA ALA C 117 -6.31 -26.95 5.07
C ALA C 117 -7.30 -26.37 6.07
N THR C 118 -8.57 -26.66 5.83
CA THR C 118 -9.64 -26.07 6.62
C THR C 118 -10.89 -26.91 6.41
N ASP D 7 -2.62 -31.17 6.72
CA ASP D 7 -1.54 -30.67 5.82
C ASP D 7 -2.14 -30.34 4.43
N VAL D 8 -1.30 -29.73 3.62
CA VAL D 8 -1.67 -29.27 2.33
C VAL D 8 -0.57 -29.57 1.40
N ARG D 9 -0.88 -29.81 0.13
CA ARG D 9 0.12 -30.18 -0.82
C ARG D 9 -0.31 -29.83 -2.23
N VAL D 10 0.68 -29.74 -3.12
CA VAL D 10 0.44 -29.54 -4.56
C VAL D 10 0.28 -30.92 -5.16
N ASP D 11 -0.91 -31.21 -5.61
CA ASP D 11 -1.29 -32.46 -6.19
C ASP D 11 -1.02 -32.57 -7.69
N LYS D 12 -0.98 -31.45 -8.41
CA LYS D 12 -0.79 -31.48 -9.88
C LYS D 12 -0.30 -30.13 -10.33
N ALA D 13 0.47 -30.08 -11.41
CA ALA D 13 0.93 -28.85 -12.04
C ALA D 13 0.42 -28.93 -13.46
N VAL D 14 -0.31 -27.89 -13.91
CA VAL D 14 -0.88 -27.86 -15.28
C VAL D 14 -0.62 -26.55 -15.98
N ASN D 15 -0.30 -26.60 -17.26
CA ASN D 15 -0.20 -25.38 -18.05
C ASN D 15 -1.57 -24.85 -18.42
N PHE D 16 -1.76 -23.55 -18.48
CA PHE D 16 -2.93 -23.00 -19.12
C PHE D 16 -2.88 -23.30 -20.58
N ILE D 17 -4.11 -23.44 -21.13
CA ILE D 17 -4.27 -23.47 -22.57
C ILE D 17 -3.88 -22.11 -23.22
N LYS D 18 -3.75 -22.13 -24.55
CA LYS D 18 -3.42 -20.97 -25.35
C LYS D 18 -4.64 -20.73 -26.25
N PRO D 19 -5.58 -19.98 -25.82
CA PRO D 19 -6.77 -19.70 -26.65
C PRO D 19 -6.41 -19.11 -27.99
N GLU D 20 -7.15 -19.53 -29.01
CA GLU D 20 -6.78 -19.21 -30.40
C GLU D 20 -7.16 -17.84 -30.86
N VAL D 21 -8.23 -17.29 -30.32
CA VAL D 21 -8.72 -16.01 -30.80
C VAL D 21 -8.68 -14.98 -29.69
N SER D 22 -8.14 -13.83 -29.99
CA SER D 22 -8.00 -12.76 -29.02
C SER D 22 -9.33 -12.41 -28.33
N GLY D 23 -9.37 -12.37 -26.99
CA GLY D 23 -10.53 -11.98 -26.28
C GLY D 23 -11.63 -12.99 -26.23
N VAL D 24 -11.52 -14.14 -26.81
CA VAL D 24 -12.54 -15.12 -26.85
C VAL D 24 -12.15 -16.31 -25.92
N ALA D 25 -12.97 -16.43 -24.89
CA ALA D 25 -12.73 -17.45 -23.87
C ALA D 25 -12.87 -18.81 -24.40
N GLU D 26 -12.11 -19.78 -23.95
CA GLU D 26 -12.20 -21.18 -24.21
C GLU D 26 -12.22 -21.95 -22.89
N ILE D 27 -12.88 -23.09 -22.83
CA ILE D 27 -12.91 -23.95 -21.68
C ILE D 27 -11.69 -24.83 -21.64
N GLN D 28 -11.06 -24.86 -20.47
CA GLN D 28 -9.99 -25.80 -20.19
C GLN D 28 -10.55 -26.76 -19.19
N THR D 29 -10.38 -28.02 -19.47
CA THR D 29 -10.80 -29.09 -18.55
C THR D 29 -9.57 -29.79 -17.95
N VAL D 30 -9.61 -29.97 -16.65
CA VAL D 30 -8.58 -30.68 -15.96
C VAL D 30 -9.27 -31.95 -15.47
N THR D 31 -8.52 -33.01 -15.69
CA THR D 31 -9.02 -34.35 -15.40
C THR D 31 -8.04 -35.08 -14.54
N GLY D 32 -8.50 -36.20 -13.97
CA GLY D 32 -7.59 -37.12 -13.33
C GLY D 32 -7.29 -36.79 -11.88
N LEU D 33 -8.21 -36.07 -11.24
CA LEU D 33 -8.06 -35.63 -9.85
C LEU D 33 -9.00 -36.50 -8.99
N SER D 34 -9.08 -36.30 -7.67
CA SER D 34 -10.05 -37.08 -6.87
C SER D 34 -11.46 -36.50 -7.10
N PRO D 35 -12.51 -37.39 -7.11
CA PRO D 35 -13.89 -36.94 -7.24
C PRO D 35 -14.39 -36.09 -6.15
N SER D 36 -15.26 -35.12 -6.41
CA SER D 36 -15.95 -34.43 -5.37
C SER D 36 -14.96 -33.97 -4.29
N THR D 37 -13.85 -33.36 -4.74
CA THR D 37 -12.79 -32.85 -3.88
C THR D 37 -12.58 -31.35 -4.21
N SER D 38 -12.36 -30.60 -3.16
CA SER D 38 -12.05 -29.17 -3.27
C SER D 38 -10.55 -28.96 -3.49
N TYR D 39 -10.29 -28.14 -4.46
CA TYR D 39 -8.90 -27.75 -4.81
C TYR D 39 -8.85 -26.22 -4.83
N LEU D 40 -7.62 -25.71 -4.64
CA LEU D 40 -7.24 -24.32 -4.85
C LEU D 40 -6.17 -24.32 -5.96
N LEU D 41 -6.36 -23.38 -6.89
CA LEU D 41 -5.40 -23.15 -8.01
C LEU D 41 -4.70 -21.83 -7.83
N THR D 42 -3.37 -21.87 -8.02
CA THR D 42 -2.53 -20.70 -7.96
C THR D 42 -1.62 -20.62 -9.18
N PRO D 43 -1.42 -19.39 -9.67
CA PRO D 43 -0.59 -19.27 -10.91
C PRO D 43 0.90 -19.45 -10.69
N ALA D 44 1.57 -19.79 -11.74
CA ALA D 44 3.02 -19.87 -11.74
C ALA D 44 3.51 -19.90 -13.20
N PHE D 45 4.72 -19.46 -13.51
CA PHE D 45 5.35 -19.75 -14.78
C PHE D 45 6.86 -19.63 -14.65
N LEU D 46 7.56 -20.24 -15.60
CA LEU D 46 9.00 -20.43 -15.44
C LEU D 46 9.72 -20.07 -16.72
N GLU D 47 10.68 -19.16 -16.59
CA GLU D 47 11.62 -18.79 -17.67
C GLU D 47 10.95 -18.42 -18.95
N GLN D 48 9.92 -17.50 -18.90
CA GLN D 48 9.18 -17.14 -20.18
C GLN D 48 9.57 -15.89 -20.77
N ASN D 49 9.71 -15.79 -22.07
CA ASN D 49 10.00 -14.56 -22.83
C ASN D 49 8.74 -13.95 -23.32
N PHE D 50 8.16 -13.04 -22.57
CA PHE D 50 6.96 -12.36 -22.96
C PHE D 50 7.19 -11.24 -23.98
N GLN D 51 8.42 -11.03 -24.35
CA GLN D 51 8.88 -9.96 -25.26
C GLN D 51 9.39 -10.54 -26.57
N SER D 52 8.94 -11.74 -26.91
CA SER D 52 9.41 -12.41 -28.14
C SER D 52 8.63 -11.87 -29.38
N GLU D 53 7.68 -10.99 -29.25
CA GLU D 53 6.98 -10.37 -30.36
C GLU D 53 6.23 -9.21 -29.71
N ALA D 54 5.60 -8.38 -30.51
CA ALA D 54 4.88 -7.18 -30.06
C ALA D 54 3.64 -7.60 -29.22
N GLY D 55 3.14 -6.65 -28.50
CA GLY D 55 1.90 -6.88 -27.71
C GLY D 55 2.16 -7.38 -26.32
N ILE D 56 1.10 -7.56 -25.55
CA ILE D 56 1.19 -7.85 -24.08
C ILE D 56 0.47 -9.14 -23.79
N TYR D 57 1.15 -10.06 -23.12
CA TYR D 57 0.47 -11.29 -22.63
C TYR D 57 -0.45 -10.93 -21.46
N ILE D 58 -1.77 -11.18 -21.60
CA ILE D 58 -2.73 -10.96 -20.58
C ILE D 58 -3.67 -12.18 -20.54
N LEU D 59 -3.66 -12.92 -19.49
CA LEU D 59 -4.49 -14.10 -19.30
C LEU D 59 -5.40 -13.88 -18.10
N SER D 60 -6.66 -14.30 -18.19
CA SER D 60 -7.56 -14.33 -17.05
C SER D 60 -8.19 -15.65 -17.05
N ALA D 61 -8.34 -16.31 -15.89
CA ALA D 61 -8.98 -17.60 -15.77
C ALA D 61 -9.92 -17.60 -14.60
N THR D 62 -11.09 -18.20 -14.81
CA THR D 62 -12.09 -18.29 -13.78
C THR D 62 -12.64 -19.68 -13.84
N PRO D 63 -13.16 -20.19 -12.69
CA PRO D 63 -13.87 -21.48 -12.74
C PRO D 63 -15.33 -21.33 -13.34
N VAL D 64 -15.72 -22.30 -14.10
CA VAL D 64 -17.16 -22.32 -14.54
C VAL D 64 -18.08 -22.43 -13.32
N GLU D 65 -17.72 -23.28 -12.37
CA GLU D 65 -18.39 -23.25 -11.07
C GLU D 65 -17.37 -23.16 -9.99
N GLY D 66 -17.35 -22.06 -9.29
CA GLY D 66 -16.45 -21.91 -8.14
C GLY D 66 -16.29 -20.44 -7.90
N GLU D 67 -15.19 -20.06 -7.23
CA GLU D 67 -14.87 -18.74 -6.83
C GLU D 67 -13.45 -18.38 -7.29
N GLY D 68 -13.33 -17.09 -7.51
CA GLY D 68 -12.00 -16.49 -7.73
C GLY D 68 -11.67 -16.31 -9.17
N THR D 69 -10.58 -15.61 -9.37
CA THR D 69 -10.01 -15.33 -10.69
C THR D 69 -8.48 -15.32 -10.59
N ILE D 70 -7.86 -15.89 -11.57
CA ILE D 70 -6.38 -15.82 -11.75
C ILE D 70 -6.10 -14.79 -12.83
N SER D 71 -5.18 -13.89 -12.58
CA SER D 71 -4.79 -12.81 -13.49
C SER D 71 -3.29 -12.86 -13.71
N ILE D 72 -2.86 -12.97 -14.96
CA ILE D 72 -1.43 -12.86 -15.33
C ILE D 72 -1.41 -11.70 -16.35
N ASN D 73 -0.92 -10.55 -16.07
CA ASN D 73 -0.91 -9.40 -16.99
C ASN D 73 0.48 -8.87 -17.03
N MET D 74 1.17 -9.06 -18.15
CA MET D 74 2.55 -8.79 -18.27
C MET D 74 2.79 -7.37 -18.83
N ASP D 75 1.83 -6.47 -18.67
CA ASP D 75 2.01 -5.04 -19.07
C ASP D 75 3.27 -4.54 -18.37
N PRO D 76 4.27 -4.01 -19.11
CA PRO D 76 5.60 -3.77 -18.52
C PRO D 76 5.64 -2.63 -17.55
N THR D 77 4.56 -1.88 -17.37
CA THR D 77 4.53 -0.91 -16.24
C THR D 77 3.40 -1.14 -15.21
N VAL D 78 2.50 -2.09 -15.51
CA VAL D 78 1.48 -2.51 -14.58
C VAL D 78 1.37 -4.05 -14.60
N THR D 79 2.34 -4.70 -13.96
CA THR D 79 2.52 -6.16 -14.06
C THR D 79 1.81 -6.86 -12.90
N THR D 80 1.02 -7.87 -13.15
CA THR D 80 0.27 -8.58 -12.14
C THR D 80 0.40 -10.07 -12.35
N VAL D 81 0.65 -10.82 -11.30
CA VAL D 81 0.52 -12.27 -11.26
C VAL D 81 -0.16 -12.60 -10.00
N SER D 82 -1.43 -12.88 -9.97
CA SER D 82 -2.15 -12.85 -8.72
C SER D 82 -3.43 -13.63 -8.87
N GLY D 83 -4.06 -13.84 -7.71
CA GLY D 83 -5.36 -14.51 -7.62
C GLY D 83 -5.23 -15.95 -7.41
N PHE D 84 -6.39 -16.60 -7.33
CA PHE D 84 -6.52 -17.99 -7.05
C PHE D 84 -7.94 -18.41 -7.39
N ILE D 85 -8.11 -19.69 -7.65
CA ILE D 85 -9.44 -20.22 -7.91
C ILE D 85 -9.69 -21.33 -6.96
N LYS D 86 -10.90 -21.30 -6.36
CA LYS D 86 -11.47 -22.46 -5.59
C LYS D 86 -12.48 -23.17 -6.45
N VAL D 87 -12.23 -24.42 -6.66
CA VAL D 87 -13.06 -25.26 -7.51
C VAL D 87 -13.14 -26.69 -6.99
N LYS D 88 -14.34 -27.30 -7.11
CA LYS D 88 -14.55 -28.67 -6.65
C LYS D 88 -14.69 -29.54 -7.84
N THR D 89 -14.02 -30.66 -7.88
CA THR D 89 -14.28 -31.57 -8.96
C THR D 89 -15.67 -32.24 -8.90
N ASP D 90 -16.12 -32.60 -10.08
CA ASP D 90 -17.39 -33.37 -10.18
C ASP D 90 -17.14 -34.78 -9.66
N THR D 91 -18.19 -35.61 -9.64
CA THR D 91 -17.99 -37.02 -9.20
C THR D 91 -17.03 -37.83 -10.10
N PHE D 92 -16.63 -37.28 -11.24
CA PHE D 92 -15.68 -37.91 -12.13
C PHE D 92 -14.19 -37.50 -11.97
N GLY D 93 -13.90 -36.55 -11.10
CA GLY D 93 -12.51 -36.04 -10.96
C GLY D 93 -12.05 -34.98 -11.97
N THR D 94 -12.99 -34.21 -12.47
CA THR D 94 -12.69 -33.14 -13.43
C THR D 94 -13.36 -31.85 -12.99
N PHE D 95 -12.74 -30.78 -13.50
CA PHE D 95 -13.34 -29.49 -13.40
C PHE D 95 -12.98 -28.66 -14.68
N ASP D 96 -13.78 -27.64 -14.91
CA ASP D 96 -13.68 -26.77 -16.02
C ASP D 96 -13.39 -25.32 -15.60
N LEU D 97 -12.45 -24.70 -16.40
CA LEU D 97 -12.13 -23.27 -16.27
C LEU D 97 -12.44 -22.59 -17.61
N SER D 98 -12.74 -21.31 -17.49
CA SER D 98 -12.86 -20.39 -18.64
C SER D 98 -11.55 -19.54 -18.71
N VAL D 99 -10.85 -19.62 -19.81
CA VAL D 99 -9.51 -18.98 -19.98
C VAL D 99 -9.54 -18.03 -21.15
N VAL D 100 -9.17 -16.79 -20.96
CA VAL D 100 -9.20 -15.75 -21.99
C VAL D 100 -7.80 -15.11 -22.12
N LEU D 101 -7.31 -15.01 -23.31
CA LEU D 101 -6.06 -14.35 -23.64
C LEU D 101 -6.38 -13.11 -24.40
N THR D 102 -5.98 -11.95 -23.97
CA THR D 102 -6.37 -10.70 -24.61
C THR D 102 -5.81 -10.54 -26.03
N THR D 103 -4.57 -10.93 -26.21
CA THR D 103 -3.91 -10.95 -27.49
C THR D 103 -3.40 -12.31 -27.77
N ALA D 104 -4.03 -13.02 -28.73
CA ALA D 104 -3.78 -14.46 -28.91
C ALA D 104 -2.43 -14.80 -29.57
N SER D 105 -1.76 -13.81 -30.10
CA SER D 105 -0.44 -14.01 -30.67
C SER D 105 0.66 -14.14 -29.58
N LYS D 106 0.29 -13.97 -28.31
CA LYS D 106 1.23 -14.06 -27.21
C LYS D 106 1.15 -15.51 -26.77
N LYS D 107 2.00 -16.35 -27.32
CA LYS D 107 1.93 -17.83 -27.18
C LYS D 107 2.84 -18.38 -26.10
N GLN D 108 3.16 -17.56 -25.12
CA GLN D 108 3.98 -17.99 -23.96
C GLN D 108 3.23 -19.02 -23.14
N THR D 109 3.98 -19.76 -22.34
CA THR D 109 3.38 -20.80 -21.54
C THR D 109 3.35 -20.39 -20.06
N THR D 110 2.20 -20.35 -19.49
CA THR D 110 2.00 -20.12 -18.08
C THR D 110 1.10 -21.25 -17.53
N GLY D 111 0.90 -21.33 -16.22
CA GLY D 111 0.16 -22.43 -15.64
C GLY D 111 -0.21 -22.19 -14.17
N PHE D 112 -0.59 -23.30 -13.54
CA PHE D 112 -1.11 -23.26 -12.19
C PHE D 112 -0.77 -24.51 -11.50
N ASN D 113 -0.70 -24.40 -10.16
CA ASN D 113 -0.61 -25.51 -9.30
C ASN D 113 -2.00 -25.78 -8.74
N ILE D 114 -2.20 -27.10 -8.53
CA ILE D 114 -3.47 -27.61 -7.98
C ILE D 114 -3.21 -28.14 -6.58
N ILE D 115 -3.79 -27.48 -5.64
CA ILE D 115 -3.50 -27.66 -4.18
C ILE D 115 -4.70 -28.32 -3.50
N ALA D 116 -4.38 -29.33 -2.66
CA ALA D 116 -5.42 -29.97 -1.88
C ALA D 116 -4.97 -30.27 -0.47
N ALA D 117 -5.96 -30.52 0.36
CA ALA D 117 -5.76 -30.98 1.73
C ALA D 117 -5.16 -32.33 1.61
N THR D 118 -4.32 -32.68 2.59
CA THR D 118 -3.78 -34.03 2.72
C THR D 118 -3.41 -34.36 4.18
#